data_1UB4
#
_entry.id   1UB4
#
_cell.length_a   74.591
_cell.length_b   116.717
_cell.length_c   76.841
_cell.angle_alpha   90.00
_cell.angle_beta   90.00
_cell.angle_gamma   90.00
#
_symmetry.space_group_name_H-M   'C 2 2 21'
#
loop_
_entity.id
_entity.type
_entity.pdbx_description
1 polymer 'MazF protein'
2 polymer 'MazE protein'
3 water water
#
loop_
_entity_poly.entity_id
_entity_poly.type
_entity_poly.pdbx_seq_one_letter_code
_entity_poly.pdbx_strand_id
1 'polypeptide(L)'
;VSRYVPDMGDLIWVDFDPTKGSEQAGHRPAVVLSPFMYNNKTGMCLCVPCTTQSKGYPFEVVLSGQERDGVALADQVKSI
AWRARGATKKGTVAPEELQLIKAKINVLIG
;
A,B
2 'polypeptide(L)'
;GPHMIHSSVKRWGNSPAVRIPATLMQALNLNIDDEVKIDLVDGKLIIEPVRKEPVFTLAELVNDITPENLHENIDWGEPK
DKEVW
;
C
#
# COMPACT_ATOMS: atom_id res chain seq x y z
N VAL A 1 -17.24 -10.38 21.18
CA VAL A 1 -17.39 -10.84 19.77
C VAL A 1 -15.99 -10.90 19.20
N SER A 2 -15.66 -11.97 18.47
CA SER A 2 -14.33 -12.09 17.88
C SER A 2 -14.37 -11.67 16.43
N ARG A 3 -13.48 -10.76 16.05
N ARG A 3 -13.48 -10.76 16.05
CA ARG A 3 -13.44 -10.28 14.68
CA ARG A 3 -13.43 -10.30 14.68
C ARG A 3 -12.02 -10.23 14.15
C ARG A 3 -12.02 -10.24 14.15
N TYR A 4 -11.87 -10.57 12.88
CA TYR A 4 -10.59 -10.55 12.18
C TYR A 4 -10.20 -9.11 11.89
N VAL A 5 -8.96 -8.75 12.20
CA VAL A 5 -8.41 -7.42 11.88
C VAL A 5 -7.12 -7.77 11.10
N PRO A 6 -6.97 -7.21 9.90
CA PRO A 6 -5.78 -7.53 9.11
C PRO A 6 -4.44 -6.98 9.53
N ASP A 7 -3.43 -7.79 9.22
CA ASP A 7 -2.05 -7.43 9.45
C ASP A 7 -1.39 -7.17 8.11
N MET A 8 -0.30 -6.42 8.18
N MET A 8 -0.33 -6.39 8.16
CA MET A 8 0.53 -6.14 7.03
CA MET A 8 0.48 -6.10 6.99
C MET A 8 0.91 -7.51 6.48
C MET A 8 0.93 -7.48 6.48
N GLY A 9 0.82 -7.69 5.16
CA GLY A 9 1.21 -8.96 4.58
C GLY A 9 0.12 -10.02 4.50
N ASP A 10 -1.01 -9.79 5.14
CA ASP A 10 -2.08 -10.78 5.06
C ASP A 10 -2.66 -10.81 3.65
N LEU A 11 -3.07 -11.99 3.20
CA LEU A 11 -3.74 -12.14 1.93
C LEU A 11 -5.21 -12.25 2.38
N ILE A 12 -6.05 -11.33 1.91
CA ILE A 12 -7.46 -11.31 2.30
C ILE A 12 -8.42 -11.38 1.13
N TRP A 13 -9.65 -11.74 1.45
CA TRP A 13 -10.71 -11.75 0.47
C TRP A 13 -11.54 -10.55 0.90
N VAL A 14 -11.67 -9.59 -0.01
CA VAL A 14 -12.43 -8.37 0.23
C VAL A 14 -13.81 -8.61 -0.38
N ASP A 15 -14.86 -8.37 0.38
CA ASP A 15 -16.20 -8.61 -0.15
C ASP A 15 -16.82 -7.40 -0.86
N PHE A 16 -17.78 -7.71 -1.72
CA PHE A 16 -18.53 -6.69 -2.47
C PHE A 16 -19.79 -7.39 -2.94
N ASP A 17 -20.89 -6.65 -3.05
CA ASP A 17 -22.15 -7.23 -3.49
C ASP A 17 -22.09 -7.58 -4.98
N PRO A 18 -22.31 -8.86 -5.34
CA PRO A 18 -22.63 -10.04 -4.53
C PRO A 18 -21.87 -10.16 -3.21
N GLY A 26 -18.76 -13.23 -4.45
CA GLY A 26 -18.42 -11.82 -4.51
C GLY A 26 -17.24 -11.40 -3.63
N HIS A 27 -16.03 -11.46 -4.18
CA HIS A 27 -14.84 -11.06 -3.44
C HIS A 27 -13.58 -10.95 -4.33
N ARG A 28 -12.69 -10.05 -3.94
CA ARG A 28 -11.42 -9.84 -4.66
C ARG A 28 -10.30 -10.16 -3.69
N PRO A 29 -9.29 -10.93 -4.15
CA PRO A 29 -8.16 -11.26 -3.28
C PRO A 29 -7.25 -10.04 -3.24
N ALA A 30 -6.65 -9.74 -2.08
CA ALA A 30 -5.74 -8.59 -1.99
C ALA A 30 -4.66 -8.82 -0.94
N VAL A 31 -3.55 -8.12 -1.09
CA VAL A 31 -2.45 -8.22 -0.13
C VAL A 31 -2.46 -6.91 0.69
N VAL A 32 -2.52 -7.04 2.02
CA VAL A 32 -2.57 -5.86 2.88
C VAL A 32 -1.21 -5.23 3.03
N LEU A 33 -1.16 -3.90 2.87
CA LEU A 33 0.09 -3.14 2.94
C LEU A 33 0.30 -2.30 4.20
N SER A 34 -0.78 -1.98 4.89
CA SER A 34 -0.73 -1.14 6.08
C SER A 34 -0.74 -1.94 7.37
N PRO A 35 -0.23 -1.36 8.46
CA PRO A 35 -0.18 -2.06 9.74
C PRO A 35 -1.45 -2.19 10.55
N PHE A 36 -1.47 -3.24 11.36
CA PHE A 36 -2.57 -3.57 12.24
C PHE A 36 -3.13 -2.38 13.00
N MET A 37 -2.27 -1.58 13.62
CA MET A 37 -2.79 -0.47 14.42
C MET A 37 -3.63 0.49 13.59
N TYR A 38 -3.14 0.87 12.42
CA TYR A 38 -3.87 1.77 11.53
C TYR A 38 -5.14 1.06 11.06
N ASN A 39 -5.00 -0.21 10.63
CA ASN A 39 -6.15 -0.95 10.12
C ASN A 39 -7.27 -1.07 11.15
N ASN A 40 -6.87 -1.32 12.38
CA ASN A 40 -7.79 -1.52 13.50
C ASN A 40 -8.49 -0.24 13.92
N LYS A 41 -7.73 0.84 13.98
CA LYS A 41 -8.30 2.12 14.40
C LYS A 41 -9.24 2.74 13.38
N THR A 42 -8.90 2.63 12.09
CA THR A 42 -9.69 3.28 11.04
C THR A 42 -10.72 2.44 10.32
N GLY A 43 -10.55 1.12 10.33
CA GLY A 43 -11.47 0.28 9.59
C GLY A 43 -11.10 0.29 8.11
N MET A 44 -9.97 0.92 7.80
N MET A 44 -9.98 0.92 7.79
CA MET A 44 -9.47 1.02 6.44
CA MET A 44 -9.50 0.98 6.41
C MET A 44 -8.11 0.33 6.35
C MET A 44 -8.15 0.29 6.35
N CYS A 45 -7.68 -0.01 5.15
CA CYS A 45 -6.35 -0.59 4.98
C CYS A 45 -5.94 -0.34 3.54
N LEU A 46 -4.63 -0.24 3.33
CA LEU A 46 -4.11 -0.07 1.98
C LEU A 46 -3.76 -1.47 1.54
N CYS A 47 -4.05 -1.77 0.28
CA CYS A 47 -3.75 -3.10 -0.24
C CYS A 47 -3.54 -3.04 -1.74
N VAL A 48 -3.14 -4.18 -2.31
CA VAL A 48 -2.99 -4.28 -3.75
C VAL A 48 -3.76 -5.53 -4.13
N PRO A 49 -4.47 -5.46 -5.26
CA PRO A 49 -5.27 -6.61 -5.72
C PRO A 49 -4.45 -7.71 -6.34
N CYS A 50 -4.99 -8.92 -6.28
CA CYS A 50 -4.35 -10.08 -6.86
C CYS A 50 -5.18 -10.59 -8.03
N THR A 51 -4.52 -11.31 -8.93
CA THR A 51 -5.20 -11.88 -10.07
C THR A 51 -4.47 -13.12 -10.55
N THR A 52 -5.22 -14.07 -11.13
CA THR A 52 -4.62 -15.28 -11.67
C THR A 52 -4.22 -14.96 -13.11
N GLN A 53 -4.62 -13.79 -13.60
CA GLN A 53 -4.30 -13.38 -14.97
C GLN A 53 -2.92 -12.76 -15.11
N SER A 54 -1.86 -13.55 -14.92
CA SER A 54 -0.52 -12.99 -15.06
C SER A 54 -0.21 -12.77 -16.56
N LYS A 55 0.43 -11.64 -16.86
CA LYS A 55 0.79 -11.27 -18.23
C LYS A 55 2.27 -10.91 -18.33
N GLY A 56 2.97 -10.95 -17.21
CA GLY A 56 4.37 -10.57 -17.22
C GLY A 56 4.51 -9.05 -17.12
N TYR A 57 3.43 -8.36 -16.77
CA TYR A 57 3.44 -6.91 -16.59
C TYR A 57 4.49 -6.65 -15.51
N PRO A 58 5.30 -5.59 -15.68
CA PRO A 58 6.35 -5.30 -14.69
C PRO A 58 5.96 -5.04 -13.26
N PHE A 59 4.73 -4.59 -13.01
CA PHE A 59 4.33 -4.36 -11.63
C PHE A 59 3.73 -5.61 -10.98
N GLU A 60 3.73 -6.72 -11.70
CA GLU A 60 3.24 -7.97 -11.14
C GLU A 60 4.28 -8.53 -10.16
N VAL A 61 3.81 -9.09 -9.04
CA VAL A 61 4.74 -9.76 -8.12
C VAL A 61 4.13 -11.15 -7.93
N VAL A 62 4.90 -12.17 -8.26
CA VAL A 62 4.44 -13.55 -8.12
C VAL A 62 4.32 -13.94 -6.66
N LEU A 63 3.18 -14.56 -6.33
CA LEU A 63 2.93 -15.01 -4.97
C LEU A 63 3.02 -16.55 -5.00
N SER A 64 3.96 -17.10 -4.27
CA SER A 64 4.15 -18.54 -4.26
C SER A 64 3.45 -19.23 -3.10
N GLY A 65 3.36 -20.56 -3.20
CA GLY A 65 2.75 -21.36 -2.15
C GLY A 65 1.37 -20.95 -1.67
N GLN A 66 0.51 -20.52 -2.60
CA GLN A 66 -0.86 -20.14 -2.25
C GLN A 66 -1.79 -21.21 -2.82
N GLU A 67 -3.07 -21.10 -2.51
CA GLU A 67 -4.06 -22.06 -3.00
C GLU A 67 -4.03 -22.11 -4.53
N ARG A 68 -4.01 -20.94 -5.15
CA ARG A 68 -3.97 -20.79 -6.60
C ARG A 68 -2.71 -20.02 -6.99
N ASP A 69 -2.27 -20.19 -8.23
CA ASP A 69 -1.11 -19.47 -8.75
C ASP A 69 -1.63 -18.06 -9.03
N GLY A 70 -0.85 -17.04 -8.70
CA GLY A 70 -1.31 -15.69 -8.95
C GLY A 70 -0.28 -14.61 -8.70
N VAL A 71 -0.66 -13.39 -9.01
CA VAL A 71 0.23 -12.25 -8.84
C VAL A 71 -0.47 -11.05 -8.24
N ALA A 72 0.30 -10.26 -7.54
CA ALA A 72 -0.22 -9.03 -6.94
C ALA A 72 0.09 -7.93 -7.94
N LEU A 73 -0.86 -7.03 -8.18
CA LEU A 73 -0.64 -5.91 -9.11
C LEU A 73 -0.20 -4.74 -8.24
N ALA A 74 1.12 -4.59 -8.08
CA ALA A 74 1.67 -3.59 -7.18
C ALA A 74 1.31 -2.15 -7.48
N ASP A 75 1.07 -1.80 -8.75
CA ASP A 75 0.73 -0.42 -9.04
C ASP A 75 -0.72 -0.04 -8.75
N GLN A 76 -1.56 -1.01 -8.39
CA GLN A 76 -2.96 -0.71 -8.10
C GLN A 76 -3.28 -0.63 -6.60
N VAL A 77 -2.42 0.09 -5.89
CA VAL A 77 -2.56 0.35 -4.45
C VAL A 77 -3.97 0.91 -4.25
N LYS A 78 -4.67 0.40 -3.25
CA LYS A 78 -6.04 0.86 -3.01
C LYS A 78 -6.36 0.94 -1.52
N SER A 79 -6.98 2.03 -1.09
CA SER A 79 -7.43 2.19 0.30
C SER A 79 -8.84 1.59 0.29
N ILE A 80 -9.04 0.56 1.11
CA ILE A 80 -10.33 -0.10 1.17
C ILE A 80 -10.93 -0.11 2.57
N ALA A 81 -12.25 -0.03 2.64
CA ALA A 81 -12.94 -0.04 3.92
C ALA A 81 -13.16 -1.52 4.26
N TRP A 82 -12.09 -2.18 4.70
CA TRP A 82 -12.20 -3.62 4.99
C TRP A 82 -13.22 -3.97 6.08
N ARG A 83 -13.38 -3.10 7.07
CA ARG A 83 -14.33 -3.41 8.15
C ARG A 83 -15.77 -3.29 7.67
N ALA A 84 -16.08 -2.25 6.90
CA ALA A 84 -17.43 -2.08 6.40
C ALA A 84 -17.78 -3.18 5.41
N ARG A 85 -16.84 -3.54 4.54
CA ARG A 85 -17.07 -4.59 3.53
C ARG A 85 -17.09 -6.00 4.10
N GLY A 86 -16.29 -6.27 5.13
CA GLY A 86 -16.26 -7.59 5.77
C GLY A 86 -15.22 -8.63 5.33
N ALA A 87 -13.95 -8.22 5.33
CA ALA A 87 -12.84 -9.08 4.89
C ALA A 87 -12.54 -10.36 5.66
N THR A 88 -11.99 -11.35 4.96
CA THR A 88 -11.62 -12.65 5.50
C THR A 88 -10.14 -12.97 5.20
N LYS A 89 -9.43 -13.56 6.17
CA LYS A 89 -8.03 -13.92 5.95
C LYS A 89 -7.88 -15.22 5.16
N LYS A 90 -7.06 -15.20 4.11
CA LYS A 90 -6.86 -16.42 3.33
C LYS A 90 -5.45 -16.99 3.49
N GLY A 91 -4.54 -16.15 3.95
CA GLY A 91 -3.18 -16.59 4.16
C GLY A 91 -2.31 -15.37 4.35
N THR A 92 -1.02 -15.49 4.09
CA THR A 92 -0.09 -14.36 4.21
C THR A 92 0.92 -14.53 3.09
N VAL A 93 1.51 -13.43 2.66
CA VAL A 93 2.52 -13.53 1.62
C VAL A 93 3.89 -13.59 2.31
N ALA A 94 4.88 -14.08 1.59
CA ALA A 94 6.21 -14.20 2.17
C ALA A 94 6.86 -12.83 2.33
N PRO A 95 7.72 -12.68 3.35
CA PRO A 95 8.38 -11.40 3.54
C PRO A 95 9.02 -10.87 2.26
N GLU A 96 9.65 -11.76 1.48
CA GLU A 96 10.31 -11.32 0.26
C GLU A 96 9.35 -10.82 -0.79
N GLU A 97 8.17 -11.42 -0.85
CA GLU A 97 7.15 -11.01 -1.80
C GLU A 97 6.62 -9.65 -1.40
N LEU A 98 6.41 -9.43 -0.11
CA LEU A 98 5.91 -8.12 0.32
C LEU A 98 6.97 -7.04 0.04
N GLN A 99 8.25 -7.38 0.20
CA GLN A 99 9.31 -6.41 -0.10
C GLN A 99 9.29 -6.05 -1.57
N LEU A 100 9.07 -7.03 -2.45
CA LEU A 100 9.03 -6.74 -3.88
C LEU A 100 7.83 -5.84 -4.20
N ILE A 101 6.68 -6.11 -3.59
CA ILE A 101 5.52 -5.27 -3.83
C ILE A 101 5.81 -3.83 -3.43
N LYS A 102 6.36 -3.67 -2.22
N LYS A 102 6.37 -3.64 -2.24
CA LYS A 102 6.68 -2.36 -1.67
CA LYS A 102 6.62 -2.28 -1.80
C LYS A 102 7.76 -1.62 -2.48
C LYS A 102 7.74 -1.60 -2.57
N ALA A 103 8.73 -2.37 -3.02
CA ALA A 103 9.81 -1.77 -3.79
C ALA A 103 9.28 -1.24 -5.14
N LYS A 104 8.29 -1.93 -5.71
CA LYS A 104 7.71 -1.52 -6.98
C LYS A 104 6.78 -0.32 -6.77
N ILE A 105 6.04 -0.33 -5.67
CA ILE A 105 5.19 0.82 -5.35
C ILE A 105 6.07 2.06 -5.15
N ASN A 106 7.24 1.88 -4.54
CA ASN A 106 8.12 3.00 -4.26
C ASN A 106 8.56 3.80 -5.49
N VAL A 107 8.63 3.10 -6.62
CA VAL A 107 9.02 3.70 -7.89
C VAL A 107 7.98 4.73 -8.33
N LEU A 108 6.73 4.48 -7.96
CA LEU A 108 5.62 5.35 -8.37
C LEU A 108 5.24 6.43 -7.37
N ILE A 109 5.30 6.13 -6.08
CA ILE A 109 4.88 7.15 -5.12
C ILE A 109 5.85 7.34 -3.97
N GLY A 110 7.07 6.83 -4.13
CA GLY A 110 8.08 6.94 -3.10
C GLY A 110 8.71 8.33 -3.07
N VAL B 1 -4.82 15.56 -32.32
CA VAL B 1 -5.70 16.12 -31.24
C VAL B 1 -4.84 16.38 -30.01
N SER B 2 -5.12 17.48 -29.32
N SER B 2 -5.07 17.49 -29.31
CA SER B 2 -4.37 17.78 -28.12
CA SER B 2 -4.28 17.83 -28.11
C SER B 2 -5.12 17.17 -26.96
C SER B 2 -5.01 17.35 -26.86
N ARG B 3 -4.40 16.43 -26.13
CA ARG B 3 -5.02 15.83 -24.96
C ARG B 3 -4.27 16.10 -23.67
N TYR B 4 -5.03 16.28 -22.61
CA TYR B 4 -4.43 16.50 -21.29
C TYR B 4 -3.97 15.15 -20.74
N VAL B 5 -2.72 15.11 -20.26
CA VAL B 5 -2.17 13.91 -19.62
C VAL B 5 -1.73 14.40 -18.23
N PRO B 6 -2.25 13.78 -17.16
CA PRO B 6 -1.88 14.20 -15.80
C PRO B 6 -0.41 14.06 -15.45
N ASP B 7 0.13 15.09 -14.81
CA ASP B 7 1.51 15.08 -14.35
C ASP B 7 1.45 14.91 -12.82
N MET B 8 2.56 14.42 -12.25
CA MET B 8 2.66 14.28 -10.81
C MET B 8 2.43 15.67 -10.24
N GLY B 9 1.61 15.75 -9.19
CA GLY B 9 1.35 17.03 -8.57
C GLY B 9 0.13 17.78 -9.09
N ASP B 10 -0.46 17.29 -10.18
CA ASP B 10 -1.65 17.96 -10.71
C ASP B 10 -2.85 17.65 -9.83
N LEU B 11 -3.75 18.62 -9.73
CA LEU B 11 -4.99 18.47 -9.00
C LEU B 11 -5.98 18.26 -10.15
N ILE B 12 -6.69 17.14 -10.14
CA ILE B 12 -7.60 16.83 -11.23
C ILE B 12 -9.00 16.52 -10.75
N TRP B 13 -9.96 16.61 -11.69
CA TRP B 13 -11.33 16.24 -11.41
C TRP B 13 -11.52 15.06 -12.36
N VAL B 14 -11.98 13.94 -11.85
CA VAL B 14 -12.18 12.75 -12.66
C VAL B 14 -13.67 12.58 -12.94
N ASP B 15 -14.00 12.14 -14.16
CA ASP B 15 -15.40 11.93 -14.51
C ASP B 15 -15.91 10.61 -13.93
N PHE B 16 -17.23 10.47 -13.90
CA PHE B 16 -17.86 9.26 -13.37
C PHE B 16 -19.33 9.19 -13.77
N HIS B 27 -18.44 15.09 -8.04
CA HIS B 27 -17.19 15.84 -7.86
C HIS B 27 -16.17 14.97 -7.16
N ARG B 28 -15.11 14.60 -7.87
CA ARG B 28 -14.05 13.76 -7.31
C ARG B 28 -12.66 14.38 -7.54
N PRO B 29 -12.30 15.39 -6.74
CA PRO B 29 -11.01 16.06 -6.86
C PRO B 29 -9.89 15.20 -6.24
N ALA B 30 -8.76 15.10 -6.93
CA ALA B 30 -7.66 14.29 -6.40
C ALA B 30 -6.32 14.88 -6.80
N VAL B 31 -5.29 14.54 -6.03
CA VAL B 31 -3.92 14.99 -6.31
C VAL B 31 -3.17 13.79 -6.88
N VAL B 32 -2.61 13.96 -8.07
CA VAL B 32 -1.88 12.88 -8.75
C VAL B 32 -0.51 12.69 -8.11
N LEU B 33 -0.21 11.44 -7.74
CA LEU B 33 1.07 11.11 -7.10
C LEU B 33 2.10 10.46 -8.02
N SER B 34 1.65 9.70 -9.02
CA SER B 34 2.54 9.00 -9.91
C SER B 34 3.08 9.89 -11.05
N PRO B 35 4.27 9.56 -11.54
CA PRO B 35 4.97 10.27 -12.61
C PRO B 35 4.24 10.24 -13.94
N PHE B 36 4.36 11.36 -14.64
CA PHE B 36 3.80 11.52 -15.97
C PHE B 36 4.18 10.33 -16.88
N MET B 37 5.44 9.90 -16.84
CA MET B 37 5.87 8.82 -17.72
C MET B 37 5.00 7.57 -17.55
N TYR B 38 4.66 7.26 -16.31
CA TYR B 38 3.80 6.10 -16.01
C TYR B 38 2.36 6.40 -16.40
N ASN B 39 1.87 7.58 -16.03
CA ASN B 39 0.48 7.95 -16.32
C ASN B 39 0.19 7.92 -17.82
N ASN B 40 1.16 8.42 -18.59
CA ASN B 40 0.99 8.48 -20.04
C ASN B 40 1.01 7.12 -20.71
N LYS B 41 1.88 6.24 -20.26
CA LYS B 41 1.98 4.93 -20.88
C LYS B 41 0.85 3.98 -20.51
N THR B 42 0.31 4.11 -19.31
CA THR B 42 -0.73 3.22 -18.83
C THR B 42 -2.16 3.71 -18.91
N GLY B 43 -2.34 5.02 -18.93
CA GLY B 43 -3.69 5.56 -18.91
C GLY B 43 -4.22 5.46 -17.48
N MET B 44 -3.32 5.16 -16.54
CA MET B 44 -3.69 5.03 -15.13
C MET B 44 -2.85 5.98 -14.29
N CYS B 45 -3.27 6.26 -13.05
CA CYS B 45 -2.45 7.09 -12.18
C CYS B 45 -2.84 6.81 -10.74
N LEU B 46 -1.89 7.01 -9.83
CA LEU B 46 -2.14 6.84 -8.39
C LEU B 46 -2.40 8.26 -7.87
N CYS B 47 -3.41 8.40 -7.03
N CYS B 47 -3.40 8.40 -7.03
CA CYS B 47 -3.78 9.71 -6.52
CA CYS B 47 -3.77 9.72 -6.50
C CYS B 47 -4.42 9.60 -5.14
C CYS B 47 -4.39 9.59 -5.13
N VAL B 48 -4.62 10.73 -4.49
CA VAL B 48 -5.27 10.77 -3.19
C VAL B 48 -6.40 11.78 -3.33
N PRO B 49 -7.54 11.51 -2.69
CA PRO B 49 -8.67 12.43 -2.78
C PRO B 49 -8.49 13.71 -1.96
N CYS B 50 -9.16 14.77 -2.41
CA CYS B 50 -9.15 16.06 -1.73
C CYS B 50 -10.52 16.30 -1.13
N THR B 51 -10.55 17.12 -0.09
CA THR B 51 -11.79 17.48 0.58
C THR B 51 -11.67 18.95 0.94
N THR B 52 -12.79 19.63 1.17
CA THR B 52 -12.73 21.06 1.47
C THR B 52 -12.55 21.41 2.93
N GLN B 53 -12.92 20.50 3.82
CA GLN B 53 -12.81 20.79 5.24
C GLN B 53 -11.76 20.01 6.01
N SER B 54 -10.91 20.74 6.72
CA SER B 54 -9.89 20.12 7.54
C SER B 54 -10.58 19.73 8.85
N LYS B 55 -10.32 18.51 9.32
CA LYS B 55 -10.93 18.03 10.56
C LYS B 55 -9.92 17.59 11.61
N GLY B 56 -8.64 17.81 11.33
CA GLY B 56 -7.61 17.42 12.27
C GLY B 56 -7.18 15.96 12.11
N TYR B 57 -7.65 15.32 11.05
CA TYR B 57 -7.28 13.93 10.81
C TYR B 57 -5.77 13.92 10.54
N PRO B 58 -5.02 13.01 11.19
CA PRO B 58 -3.57 12.96 11.00
C PRO B 58 -3.02 12.90 9.58
N PHE B 59 -3.76 12.30 8.66
CA PHE B 59 -3.29 12.18 7.29
C PHE B 59 -3.61 13.35 6.38
N GLU B 60 -4.24 14.39 6.94
CA GLU B 60 -4.56 15.56 6.14
C GLU B 60 -3.30 16.34 5.83
N VAL B 61 -3.22 16.81 4.59
CA VAL B 61 -2.12 17.67 4.19
C VAL B 61 -2.80 18.90 3.59
N VAL B 62 -2.50 20.07 4.17
CA VAL B 62 -3.06 21.32 3.68
C VAL B 62 -2.44 21.76 2.36
N LEU B 63 -3.29 22.05 1.38
CA LEU B 63 -2.84 22.48 0.06
C LEU B 63 -3.04 23.99 -0.03
N SER B 64 -1.94 24.74 0.02
CA SER B 64 -2.00 26.20 -0.04
C SER B 64 -2.38 26.70 -1.43
N GLY B 65 -2.90 27.92 -1.49
CA GLY B 65 -3.28 28.50 -2.76
C GLY B 65 -4.28 27.61 -3.48
N GLN B 66 -5.22 27.07 -2.72
CA GLN B 66 -6.24 26.18 -3.26
C GLN B 66 -7.59 26.60 -2.68
N GLU B 67 -8.34 27.38 -3.46
CA GLU B 67 -9.65 27.85 -3.03
C GLU B 67 -10.53 26.66 -2.62
N ARG B 68 -10.81 25.77 -3.59
CA ARG B 68 -11.64 24.60 -3.33
C ARG B 68 -10.79 23.37 -2.97
N ASP B 69 -11.40 22.46 -2.21
CA ASP B 69 -10.77 21.21 -1.80
C ASP B 69 -9.29 21.42 -1.47
N GLY B 70 -9.05 22.14 -0.38
CA GLY B 70 -7.70 22.45 0.03
C GLY B 70 -6.99 21.47 0.96
N VAL B 71 -7.52 20.27 1.14
CA VAL B 71 -6.81 19.32 1.99
C VAL B 71 -6.81 17.93 1.34
N ALA B 72 -5.63 17.33 1.26
CA ALA B 72 -5.49 16.01 0.66
C ALA B 72 -5.52 14.96 1.76
N LEU B 73 -6.15 13.82 1.50
CA LEU B 73 -6.22 12.76 2.50
C LEU B 73 -5.16 11.74 2.08
N ALA B 74 -3.96 11.91 2.62
CA ALA B 74 -2.81 11.09 2.22
C ALA B 74 -2.90 9.58 2.32
N ASP B 75 -3.65 9.06 3.30
CA ASP B 75 -3.75 7.61 3.46
C ASP B 75 -4.68 6.93 2.49
N GLN B 76 -5.49 7.70 1.78
CA GLN B 76 -6.48 7.11 0.90
C GLN B 76 -6.14 7.01 -0.57
N VAL B 77 -4.96 6.47 -0.81
CA VAL B 77 -4.43 6.26 -2.14
C VAL B 77 -5.32 5.34 -2.97
N LYS B 78 -5.43 5.66 -4.26
CA LYS B 78 -6.19 4.79 -5.14
C LYS B 78 -5.64 4.96 -6.55
N SER B 79 -5.77 3.90 -7.32
CA SER B 79 -5.36 3.93 -8.72
C SER B 79 -6.62 4.20 -9.51
N ILE B 80 -6.54 5.11 -10.47
CA ILE B 80 -7.71 5.39 -11.28
C ILE B 80 -7.39 5.34 -12.76
N ALA B 81 -8.39 4.94 -13.52
CA ALA B 81 -8.26 4.84 -14.98
C ALA B 81 -8.59 6.21 -15.55
N TRP B 82 -7.68 7.17 -15.39
CA TRP B 82 -7.96 8.52 -15.86
C TRP B 82 -8.21 8.64 -17.38
N ARG B 83 -7.52 7.87 -18.20
CA ARG B 83 -7.69 7.98 -19.65
C ARG B 83 -9.07 7.48 -20.06
N ALA B 84 -9.46 6.34 -19.51
CA ALA B 84 -10.76 5.75 -19.84
C ALA B 84 -11.92 6.61 -19.32
N ARG B 85 -11.80 7.08 -18.09
CA ARG B 85 -12.86 7.87 -17.45
C ARG B 85 -12.90 9.36 -17.82
N GLY B 86 -11.73 9.92 -18.08
CA GLY B 86 -11.63 11.32 -18.41
C GLY B 86 -11.16 12.11 -17.20
N ALA B 87 -10.21 13.02 -17.41
CA ALA B 87 -9.72 13.83 -16.31
C ALA B 87 -9.50 15.26 -16.79
N THR B 88 -9.70 16.21 -15.89
CA THR B 88 -9.54 17.62 -16.19
C THR B 88 -8.63 18.24 -15.14
N LYS B 89 -7.66 19.03 -15.57
CA LYS B 89 -6.74 19.67 -14.64
C LYS B 89 -7.41 20.88 -13.98
N LYS B 90 -7.32 20.95 -12.65
CA LYS B 90 -7.92 22.07 -11.93
C LYS B 90 -6.88 22.87 -11.15
N GLY B 91 -5.66 22.36 -11.10
CA GLY B 91 -4.63 23.09 -10.38
C GLY B 91 -3.35 22.28 -10.24
N THR B 92 -2.39 22.84 -9.53
CA THR B 92 -1.11 22.18 -9.32
C THR B 92 -0.76 22.33 -7.84
N VAL B 93 -0.22 21.28 -7.26
CA VAL B 93 0.18 21.28 -5.87
C VAL B 93 1.69 21.39 -5.82
N ALA B 94 2.20 22.20 -4.89
CA ALA B 94 3.65 22.38 -4.76
C ALA B 94 4.38 21.10 -4.41
N PRO B 95 5.58 20.88 -4.98
CA PRO B 95 6.34 19.66 -4.65
C PRO B 95 6.48 19.46 -3.14
N GLU B 96 6.67 20.56 -2.39
CA GLU B 96 6.81 20.47 -0.94
C GLU B 96 5.58 19.79 -0.31
N GLU B 97 4.39 20.13 -0.80
CA GLU B 97 3.17 19.53 -0.27
C GLU B 97 3.04 18.08 -0.74
N LEU B 98 3.44 17.83 -1.99
CA LEU B 98 3.35 16.45 -2.48
C LEU B 98 4.27 15.57 -1.65
N GLN B 99 5.42 16.11 -1.23
CA GLN B 99 6.37 15.33 -0.43
C GLN B 99 5.76 14.99 0.93
N LEU B 100 5.00 15.92 1.50
CA LEU B 100 4.37 15.65 2.80
C LEU B 100 3.40 14.49 2.63
N ILE B 101 2.64 14.48 1.54
CA ILE B 101 1.70 13.40 1.28
C ILE B 101 2.46 12.07 1.15
N LYS B 102 3.51 12.06 0.33
CA LYS B 102 4.27 10.83 0.14
C LYS B 102 4.97 10.32 1.38
N ALA B 103 5.46 11.24 2.21
CA ALA B 103 6.13 10.84 3.44
C ALA B 103 5.14 10.15 4.38
N LYS B 104 3.91 10.67 4.46
CA LYS B 104 2.90 10.05 5.33
C LYS B 104 2.58 8.64 4.83
N ILE B 105 2.50 8.47 3.52
CA ILE B 105 2.23 7.16 2.93
C ILE B 105 3.38 6.20 3.23
N ASN B 106 4.61 6.69 3.14
CA ASN B 106 5.77 5.85 3.39
C ASN B 106 5.81 5.36 4.84
N VAL B 107 5.44 6.22 5.78
CA VAL B 107 5.44 5.82 7.19
C VAL B 107 4.43 4.70 7.34
N LEU B 108 3.30 4.83 6.67
CA LEU B 108 2.25 3.83 6.76
C LEU B 108 2.59 2.49 6.14
N ILE B 109 3.01 2.48 4.87
CA ILE B 109 3.30 1.21 4.22
C ILE B 109 4.79 0.86 4.06
N GLY B 110 5.54 1.80 3.48
CA GLY B 110 6.95 1.57 3.24
C GLY B 110 7.66 0.76 4.32
N ILE C 5 12.87 -6.74 29.98
CA ILE C 5 11.60 -7.29 29.40
C ILE C 5 11.69 -8.81 29.26
N HIS C 6 10.77 -9.52 29.91
CA HIS C 6 10.76 -10.98 29.86
C HIS C 6 9.79 -11.58 28.84
N SER C 7 10.29 -12.52 28.04
CA SER C 7 9.48 -13.20 27.04
C SER C 7 9.79 -14.69 27.17
N SER C 8 9.57 -15.46 26.11
CA SER C 8 9.85 -16.89 26.17
C SER C 8 10.08 -17.45 24.78
N VAL C 9 10.64 -18.64 24.72
CA VAL C 9 10.85 -19.33 23.46
C VAL C 9 9.84 -20.46 23.54
N LYS C 10 8.98 -20.55 22.54
CA LYS C 10 7.97 -21.62 22.50
C LYS C 10 7.88 -22.18 21.09
N ARG C 11 7.19 -23.30 20.96
CA ARG C 11 7.09 -23.96 19.67
C ARG C 11 5.89 -23.45 18.87
N TRP C 12 6.18 -22.81 17.75
CA TRP C 12 5.14 -22.29 16.86
C TRP C 12 5.22 -23.15 15.60
N GLY C 13 4.29 -24.11 15.50
CA GLY C 13 4.30 -25.01 14.37
C GLY C 13 5.53 -25.87 14.53
N ASN C 14 6.39 -25.92 13.52
CA ASN C 14 7.57 -26.75 13.64
C ASN C 14 8.78 -26.00 14.18
N SER C 15 8.63 -24.70 14.42
CA SER C 15 9.79 -23.92 14.85
C SER C 15 9.75 -23.15 16.17
N PRO C 16 10.92 -23.02 16.83
CA PRO C 16 10.98 -22.28 18.09
C PRO C 16 10.75 -20.82 17.71
N ALA C 17 10.10 -20.06 18.57
CA ALA C 17 9.86 -18.65 18.29
C ALA C 17 9.70 -17.85 19.58
N VAL C 18 9.98 -16.53 19.57
N VAL C 18 10.41 -16.72 19.55
CA VAL C 18 9.79 -15.68 20.78
CA VAL C 18 10.46 -15.80 20.63
C VAL C 18 8.76 -14.52 20.66
C VAL C 18 9.54 -14.68 20.26
N ARG C 19 7.78 -14.47 21.55
N ARG C 19 8.61 -14.45 21.16
CA ARG C 19 6.77 -13.40 21.51
CA ARG C 19 7.64 -13.39 21.02
C ARG C 19 7.24 -12.02 21.98
C ARG C 19 8.44 -12.11 21.14
N ILE C 20 6.83 -10.98 21.26
N ILE C 20 8.09 -11.14 20.32
CA ILE C 20 7.20 -9.61 21.59
CA ILE C 20 8.79 -9.86 20.35
C ILE C 20 5.93 -8.76 21.59
C ILE C 20 7.89 -8.83 21.01
N PRO C 21 5.75 -7.91 22.60
N PRO C 21 8.31 -8.33 22.19
CA PRO C 21 4.54 -7.09 22.63
CA PRO C 21 7.57 -7.34 22.96
C PRO C 21 4.50 -6.15 21.42
C PRO C 21 7.15 -6.15 22.08
N ALA C 22 3.30 -5.83 20.96
N ALA C 22 5.94 -5.66 22.31
CA ALA C 22 3.13 -4.94 19.81
CA ALA C 22 5.39 -4.56 21.53
C ALA C 22 3.75 -3.57 20.05
C ALA C 22 6.29 -3.33 21.50
N THR C 23 3.65 -3.08 21.28
N THR C 23 6.77 -2.92 22.66
CA THR C 23 4.22 -1.77 21.62
CA THR C 23 7.64 -1.75 22.76
C THR C 23 5.74 -1.74 21.44
C THR C 23 8.90 -1.93 21.92
N LEU C 24 6.40 -2.87 21.66
N LEU C 24 9.38 -3.16 21.80
CA LEU C 24 7.85 -2.92 21.51
CA LEU C 24 10.57 -3.43 21.03
C LEU C 24 8.20 -3.01 20.03
C LEU C 24 10.28 -3.47 19.53
N MET C 25 7.48 -3.87 19.31
N MET C 25 9.05 -3.82 19.19
CA MET C 25 7.68 -4.03 17.87
CA MET C 25 8.64 -3.85 17.78
C MET C 25 7.51 -2.66 17.22
C MET C 25 8.71 -2.42 17.23
N GLN C 26 6.47 -1.96 17.63
N GLN C 26 8.13 -1.48 17.98
CA GLN C 26 6.17 -0.64 17.10
CA GLN C 26 8.11 -0.09 17.59
C GLN C 26 7.25 0.37 17.51
C GLN C 26 9.48 0.56 17.71
N ALA C 27 7.78 0.22 18.71
N ALA C 27 10.22 0.19 18.75
CA ALA C 27 8.81 1.12 19.19
CA ALA C 27 11.55 0.74 18.97
C ALA C 27 10.13 0.92 18.44
C ALA C 27 12.45 0.48 17.77
N LEU C 28 10.28 -0.22 17.78
N LEU C 28 12.27 -0.68 17.15
CA LEU C 28 11.51 -0.51 17.06
CA LEU C 28 13.04 -1.06 15.97
C LEU C 28 11.38 -0.42 15.54
C LEU C 28 12.24 -0.75 14.72
N ASN C 29 10.26 0.12 15.08
N ASN C 29 11.07 -0.14 14.92
CA ASN C 29 10.00 0.30 13.65
CA ASN C 29 10.16 0.21 13.82
C ASN C 29 9.80 -0.97 12.83
C ASN C 29 9.97 -0.98 12.89
N LEU C 30 9.59 -2.11 13.50
CA LEU C 30 9.37 -3.37 12.80
C LEU C 30 7.87 -3.57 12.58
N ASN C 31 7.52 -4.40 11.62
CA ASN C 31 6.12 -4.69 11.32
C ASN C 31 5.99 -6.17 11.13
N ILE C 32 4.74 -6.64 11.17
CA ILE C 32 4.48 -8.03 10.89
C ILE C 32 4.88 -8.26 9.44
N ASP C 33 5.51 -9.40 9.18
CA ASP C 33 6.00 -9.85 7.87
C ASP C 33 7.30 -9.22 7.43
N ASP C 34 7.97 -8.52 8.34
CA ASP C 34 9.30 -7.93 8.06
C ASP C 34 10.37 -9.01 8.17
N GLU C 35 11.37 -8.93 7.29
CA GLU C 35 12.52 -9.85 7.39
C GLU C 35 13.43 -9.26 8.47
N VAL C 36 14.18 -10.12 9.16
CA VAL C 36 15.13 -9.63 10.16
C VAL C 36 16.40 -10.47 10.07
N LYS C 37 17.48 -9.91 10.62
CA LYS C 37 18.76 -10.62 10.65
C LYS C 37 19.00 -11.00 12.10
N ILE C 38 19.49 -12.23 12.29
CA ILE C 38 19.79 -12.70 13.63
C ILE C 38 21.22 -13.22 13.65
N ASP C 39 22.14 -12.30 13.92
CA ASP C 39 23.57 -12.61 13.99
C ASP C 39 23.93 -12.78 15.47
N LEU C 40 24.44 -13.95 15.85
CA LEU C 40 24.79 -14.20 17.25
C LEU C 40 26.23 -13.95 17.66
N VAL C 41 26.38 -13.23 18.77
CA VAL C 41 27.69 -12.91 19.32
C VAL C 41 27.66 -13.21 20.82
N ASP C 42 28.83 -13.35 21.42
CA ASP C 42 28.95 -13.63 22.86
C ASP C 42 27.83 -14.55 23.37
N GLY C 43 27.00 -14.04 24.27
CA GLY C 43 25.91 -14.84 24.83
C GLY C 43 24.51 -14.28 24.66
N LYS C 44 24.34 -13.32 23.77
CA LYS C 44 23.03 -12.74 23.54
C LYS C 44 22.58 -12.89 22.09
N LEU C 45 21.50 -13.65 21.87
CA LEU C 45 20.97 -13.85 20.53
C LEU C 45 20.68 -12.45 20.01
N ILE C 46 21.10 -12.17 18.78
CA ILE C 46 20.91 -10.84 18.23
C ILE C 46 19.91 -10.86 17.06
N ILE C 47 19.07 -9.82 17.01
CA ILE C 47 18.04 -9.69 15.97
C ILE C 47 18.00 -8.23 15.51
N GLU C 48 18.09 -8.00 14.20
CA GLU C 48 18.06 -6.63 13.66
C GLU C 48 17.32 -6.57 12.31
N PRO C 49 16.91 -5.36 11.88
CA PRO C 49 16.20 -5.24 10.60
C PRO C 49 17.17 -5.41 9.42
N VAL C 50 16.62 -5.68 8.25
CA VAL C 50 17.43 -5.82 7.04
C VAL C 50 17.45 -4.41 6.43
N ARG C 51 18.60 -4.04 5.87
CA ARG C 51 18.78 -2.73 5.24
C ARG C 51 18.67 -2.87 3.72
N LYS C 52 19.15 -3.99 3.20
CA LYS C 52 19.10 -4.21 1.77
C LYS C 52 17.78 -4.77 1.30
N GLU C 53 17.26 -4.19 0.22
CA GLU C 53 16.00 -4.63 -0.36
C GLU C 53 16.07 -4.50 -1.86
N PRO C 54 15.15 -5.16 -2.58
CA PRO C 54 15.19 -5.04 -4.04
C PRO C 54 14.98 -3.58 -4.43
N VAL C 55 15.70 -3.13 -5.45
CA VAL C 55 15.57 -1.74 -5.92
C VAL C 55 15.27 -1.74 -7.41
N PHE C 56 14.25 -0.99 -7.80
CA PHE C 56 13.90 -0.86 -9.21
C PHE C 56 13.92 0.60 -9.58
N THR C 57 14.03 0.89 -10.88
CA THR C 57 13.95 2.27 -11.33
C THR C 57 12.64 2.43 -12.09
N LEU C 58 12.19 3.67 -12.19
CA LEU C 58 10.95 3.97 -12.91
C LEU C 58 11.14 3.55 -14.37
N ALA C 59 12.28 3.93 -14.94
CA ALA C 59 12.57 3.59 -16.33
C ALA C 59 12.54 2.09 -16.61
N GLU C 60 13.17 1.26 -15.78
CA GLU C 60 13.17 -0.16 -16.10
C GLU C 60 11.81 -0.80 -16.06
N LEU C 61 10.96 -0.39 -15.13
CA LEU C 61 9.63 -0.96 -15.06
C LEU C 61 8.69 -0.39 -16.14
N VAL C 62 8.63 0.92 -16.27
CA VAL C 62 7.76 1.51 -17.28
C VAL C 62 8.16 1.07 -18.70
N ASN C 63 9.46 1.00 -18.99
CA ASN C 63 9.88 0.56 -20.33
C ASN C 63 9.43 -0.87 -20.65
N ASP C 64 9.18 -1.71 -19.63
CA ASP C 64 8.75 -3.08 -19.88
C ASP C 64 7.22 -3.22 -20.01
N ILE C 65 6.51 -2.11 -19.81
CA ILE C 65 5.07 -2.15 -19.97
C ILE C 65 4.81 -2.16 -21.47
N THR C 66 3.90 -3.01 -21.91
CA THR C 66 3.52 -3.09 -23.32
C THR C 66 2.00 -3.08 -23.45
N PRO C 67 1.48 -2.82 -24.64
CA PRO C 67 0.04 -2.82 -24.77
C PRO C 67 -0.51 -4.21 -24.44
N GLU C 68 0.29 -5.25 -24.65
CA GLU C 68 -0.14 -6.62 -24.41
C GLU C 68 -0.13 -7.06 -22.94
N ASN C 69 0.80 -6.53 -22.15
CA ASN C 69 0.83 -6.93 -20.74
C ASN C 69 0.14 -5.96 -19.79
N LEU C 70 -0.38 -4.86 -20.32
CA LEU C 70 -1.08 -3.86 -19.48
C LEU C 70 -2.36 -4.46 -18.88
N HIS C 71 -2.61 -4.18 -17.60
CA HIS C 71 -3.83 -4.66 -16.93
C HIS C 71 -4.86 -3.53 -16.81
N GLU C 72 -6.15 -3.87 -16.88
CA GLU C 72 -7.17 -2.84 -16.71
C GLU C 72 -7.26 -2.58 -15.21
N ASN C 73 -7.89 -1.47 -14.83
CA ASN C 73 -8.09 -1.19 -13.41
C ASN C 73 -9.08 -2.17 -12.82
N ILE C 74 -8.73 -2.71 -11.67
CA ILE C 74 -9.59 -3.67 -10.96
C ILE C 74 -10.91 -3.01 -10.56
N ASP C 75 -12.01 -3.74 -10.69
CA ASP C 75 -13.32 -3.25 -10.29
C ASP C 75 -13.49 -3.79 -8.86
N TRP C 76 -13.37 -2.92 -7.88
CA TRP C 76 -13.48 -3.36 -6.49
C TRP C 76 -14.91 -3.61 -6.02
N GLY C 77 -15.87 -3.13 -6.81
CA GLY C 77 -17.27 -3.32 -6.43
C GLY C 77 -17.67 -2.38 -5.32
N GLU C 78 -18.82 -2.65 -4.70
CA GLU C 78 -19.33 -1.83 -3.61
C GLU C 78 -20.00 -2.69 -2.54
N PRO C 79 -19.98 -2.21 -1.28
CA PRO C 79 -20.57 -2.92 -0.14
C PRO C 79 -22.10 -2.85 -0.12
#